data_7CLI
#
_entry.id   7CLI
#
_cell.length_a   84.495
_cell.length_b   85.370
_cell.length_c   140.290
_cell.angle_alpha   90.000
_cell.angle_beta   90.000
_cell.angle_gamma   90.000
#
_symmetry.space_group_name_H-M   'P 21 21 21'
#
loop_
_entity.id
_entity.type
_entity.pdbx_description
1 polymer 'Nuclear factor NF-kappa-B p52 subunit'
2 polymer "DNA (5'-D(*CP*AP*AP*GP*GP*GP*GP*TP*CP*AP*CP*CP*CP*CP*CP*TP*TP*C)-3')"
3 polymer "DNA (5'-D(*GP*AP*AP*GP*GP*GP*GP*GP*TP*GP*AP*CP*CP*CP*CP*TP*TP*G)-3')"
4 water water
#
loop_
_entity_poly.entity_id
_entity_poly.type
_entity_poly.pdbx_seq_one_letter_code
_entity_poly.pdbx_strand_id
1 'polypeptide(L)'
;MESCYNPGLDGIIEYDDFKLNSSIVEPKEPAPETADGPYLVIVEQPKQRGFRFRYGCEGPSHGGLPGASSEKGRKTYPTV
KICNYEGPAKIEVDLVTHSDPPRAHAHSLVGKQCSELGICAVSVGPKDMTAQFNNLGVLHVTKKNMMGTMIQKLQRQRLR
SRPQGLTEAEQRELEQEAKELKKVMDLSIVRLRFSAFLRASDGSFSLPLKPVISQPIHDSKSPGASNLKISRMDKTAGSV
RGGDEVYLLCDKVQKDDIEVRFYEDDENGWQAFGDFSPTDVHKQYAIVFRTPPYHKMKIERPVTVFLQLKRKRGGDVSDS
KQFTYYPLVEDKEEVQRKRRKALPTFSQPFGGGSHMGGGSGGAAGGYGGAGGGGSLGFFPSSLAYSPYQSGAGPMGCY
;
A,B
2 'polydeoxyribonucleotide' (DC)(DA)(DA)(DG)(DG)(DG)(DG)(DT)(DC)(DA)(DC)(DC)(DC)(DC)(DC)(DT)(DT)(DC) C
3 'polydeoxyribonucleotide' (DG)(DA)(DA)(DG)(DG)(DG)(DG)(DG)(DT)(DG)(DA)(DC)(DC)(DC)(DC)(DT)(DT)(DG) D
#
# COMPACT_ATOMS: atom_id res chain seq x y z
N ALA A 35 -41.10 -15.95 -23.43
CA ALA A 35 -41.73 -16.62 -24.63
C ALA A 35 -42.06 -15.56 -25.70
N ASP A 36 -43.29 -15.03 -25.69
CA ASP A 36 -43.86 -14.25 -26.81
C ASP A 36 -42.95 -13.06 -27.13
N GLY A 37 -42.42 -13.01 -28.35
CA GLY A 37 -41.66 -11.86 -28.89
C GLY A 37 -40.15 -12.09 -28.92
N PRO A 38 -39.36 -11.26 -29.67
CA PRO A 38 -37.89 -11.33 -29.69
C PRO A 38 -37.34 -10.64 -28.44
N TYR A 39 -36.20 -11.10 -27.92
CA TYR A 39 -35.62 -10.54 -26.70
C TYR A 39 -34.13 -10.81 -26.68
N LEU A 40 -33.47 -10.31 -25.66
CA LEU A 40 -31.98 -10.30 -25.54
C LEU A 40 -31.61 -11.12 -24.30
N VAL A 41 -30.51 -11.87 -24.33
CA VAL A 41 -30.13 -12.58 -23.08
C VAL A 41 -28.61 -12.51 -22.95
N ILE A 42 -28.16 -12.32 -21.74
CA ILE A 42 -26.71 -12.40 -21.41
C ILE A 42 -26.32 -13.87 -21.34
N VAL A 43 -25.60 -14.35 -22.33
CA VAL A 43 -25.09 -15.76 -22.39
C VAL A 43 -24.07 -15.97 -21.27
N GLU A 44 -23.19 -14.97 -21.13
CA GLU A 44 -22.00 -15.00 -20.23
C GLU A 44 -21.85 -13.62 -19.58
N GLN A 45 -22.18 -13.55 -18.29
CA GLN A 45 -22.06 -12.31 -17.48
C GLN A 45 -20.61 -11.84 -17.36
N PRO A 46 -20.38 -10.53 -17.06
CA PRO A 46 -19.03 -10.07 -16.79
C PRO A 46 -18.56 -10.56 -15.42
N LYS A 47 -17.25 -10.72 -15.25
CA LYS A 47 -16.60 -11.08 -13.98
C LYS A 47 -17.01 -10.02 -12.96
N GLN A 48 -17.55 -10.46 -11.85
CA GLN A 48 -18.05 -9.53 -10.82
C GLN A 48 -16.85 -8.94 -10.09
N ARG A 49 -15.84 -9.76 -9.80
CA ARG A 49 -14.62 -9.24 -9.09
C ARG A 49 -13.32 -9.60 -9.78
N GLY A 50 -12.41 -8.63 -9.85
CA GLY A 50 -11.09 -8.92 -10.40
C GLY A 50 -10.68 -8.04 -11.56
N PHE A 51 -11.58 -7.26 -12.13
CA PHE A 51 -11.22 -6.36 -13.27
C PHE A 51 -10.86 -4.96 -12.80
N ARG A 52 -9.73 -4.48 -13.28
CA ARG A 52 -9.26 -3.16 -12.87
C ARG A 52 -9.68 -2.08 -13.86
N PHE A 53 -10.28 -1.00 -13.35
CA PHE A 53 -10.70 0.19 -14.12
C PHE A 53 -9.43 0.97 -14.39
N ARG A 54 -9.38 1.75 -15.42
CA ARG A 54 -8.15 2.50 -15.80
C ARG A 54 -8.48 3.94 -16.06
N TYR A 55 -7.49 4.80 -15.72
CA TYR A 55 -7.51 6.25 -15.88
C TYR A 55 -6.98 6.51 -17.29
N GLY A 56 -7.11 7.76 -17.73
CA GLY A 56 -6.76 8.15 -19.12
C GLY A 56 -5.29 8.00 -19.39
N CYS A 57 -4.51 8.39 -18.39
CA CYS A 57 -3.02 8.31 -18.36
C CYS A 57 -2.49 6.87 -18.49
N GLU A 58 -3.18 5.91 -17.89
CA GLU A 58 -2.66 4.51 -17.86
C GLU A 58 -2.44 3.95 -19.26
N GLY A 59 -3.31 4.32 -20.19
CA GLY A 59 -3.16 3.89 -21.57
C GLY A 59 -4.51 3.55 -22.17
N PRO A 60 -4.51 3.14 -23.44
CA PRO A 60 -5.73 2.66 -24.09
C PRO A 60 -5.88 1.13 -24.10
N SER A 61 -4.78 0.44 -23.83
CA SER A 61 -4.69 -1.03 -24.05
C SER A 61 -4.05 -1.72 -22.85
N HIS A 62 -4.87 -2.07 -21.89
CA HIS A 62 -4.41 -2.79 -20.68
C HIS A 62 -5.13 -4.11 -20.48
N GLY A 63 -5.91 -4.52 -21.48
CA GLY A 63 -6.69 -5.77 -21.36
C GLY A 63 -8.19 -5.56 -21.20
N GLY A 64 -8.94 -6.48 -21.78
CA GLY A 64 -10.41 -6.44 -21.77
C GLY A 64 -11.03 -7.15 -20.57
N LEU A 65 -12.15 -6.58 -20.10
CA LEU A 65 -13.08 -7.13 -19.11
C LEU A 65 -13.48 -8.53 -19.56
N PRO A 66 -13.02 -9.57 -18.85
CA PRO A 66 -13.43 -10.97 -19.10
C PRO A 66 -14.84 -11.37 -18.61
N GLY A 67 -15.29 -12.56 -19.03
CA GLY A 67 -16.53 -13.16 -18.50
C GLY A 67 -16.28 -13.88 -17.21
N ALA A 68 -17.35 -14.38 -16.60
CA ALA A 68 -17.28 -14.96 -15.25
C ALA A 68 -16.60 -16.32 -15.28
N SER A 69 -16.41 -16.91 -16.47
CA SER A 69 -15.75 -18.21 -16.63
C SER A 69 -14.35 -18.10 -17.25
N SER A 70 -13.76 -16.92 -17.13
CA SER A 70 -12.42 -16.73 -17.75
C SER A 70 -11.35 -17.23 -16.79
N GLU A 71 -10.41 -18.02 -17.32
CA GLU A 71 -9.21 -18.54 -16.61
C GLU A 71 -8.28 -19.18 -17.66
N LYS A 72 -7.06 -19.55 -17.25
CA LYS A 72 -6.09 -20.31 -18.10
C LYS A 72 -5.89 -19.59 -19.45
N GLY A 73 -5.71 -20.37 -20.52
CA GLY A 73 -5.82 -19.92 -21.91
C GLY A 73 -7.27 -19.96 -22.38
N ARG A 74 -8.15 -20.70 -21.71
CA ARG A 74 -9.61 -20.69 -22.00
C ARG A 74 -10.15 -19.36 -21.52
N LYS A 75 -10.11 -18.36 -22.38
CA LYS A 75 -10.62 -17.01 -22.09
C LYS A 75 -12.07 -16.90 -22.55
N THR A 76 -12.87 -16.20 -21.77
CA THR A 76 -14.26 -15.91 -22.17
C THR A 76 -14.44 -14.41 -21.96
N TYR A 77 -15.42 -13.85 -22.65
CA TYR A 77 -15.75 -12.40 -22.62
C TYR A 77 -17.24 -12.31 -22.39
N PRO A 78 -17.74 -11.14 -21.97
CA PRO A 78 -19.18 -10.95 -21.79
C PRO A 78 -19.95 -11.23 -23.09
N THR A 79 -20.95 -12.13 -23.10
CA THR A 79 -21.63 -12.54 -24.33
C THR A 79 -23.14 -12.40 -24.14
N VAL A 80 -23.80 -12.02 -25.22
CA VAL A 80 -25.26 -11.89 -25.26
C VAL A 80 -25.75 -12.49 -26.57
N LYS A 81 -27.02 -12.87 -26.60
CA LYS A 81 -27.60 -13.35 -27.85
C LYS A 81 -29.01 -12.84 -28.00
N ILE A 82 -29.40 -12.67 -29.23
CA ILE A 82 -30.81 -12.35 -29.61
C ILE A 82 -31.61 -13.65 -29.82
N CYS A 83 -32.83 -13.71 -29.36
CA CYS A 83 -33.60 -14.96 -29.25
C CYS A 83 -34.95 -14.62 -29.85
N ASN A 84 -35.58 -15.64 -30.42
CA ASN A 84 -36.91 -15.57 -31.07
C ASN A 84 -36.81 -14.56 -32.20
N TYR A 85 -35.61 -14.51 -32.81
CA TYR A 85 -35.33 -13.78 -34.06
C TYR A 85 -33.98 -14.21 -34.61
N GLU A 86 -33.91 -14.28 -35.95
CA GLU A 86 -32.70 -14.57 -36.77
C GLU A 86 -32.71 -13.58 -37.92
N GLY A 87 -31.62 -12.84 -38.10
CA GLY A 87 -31.51 -11.75 -39.09
C GLY A 87 -30.57 -10.65 -38.61
N PRO A 88 -30.26 -9.65 -39.45
CA PRO A 88 -29.27 -8.62 -39.11
C PRO A 88 -29.72 -7.76 -37.92
N ALA A 89 -28.78 -7.45 -37.05
CA ALA A 89 -29.02 -6.69 -35.82
C ALA A 89 -27.70 -6.11 -35.38
N LYS A 90 -27.80 -5.02 -34.63
CA LYS A 90 -26.68 -4.34 -33.98
C LYS A 90 -27.05 -4.22 -32.51
N ILE A 91 -26.14 -4.70 -31.67
CA ILE A 91 -26.18 -4.65 -30.17
C ILE A 91 -25.15 -3.66 -29.66
N GLU A 92 -25.56 -2.73 -28.82
CA GLU A 92 -24.70 -1.72 -28.22
C GLU A 92 -24.60 -1.99 -26.72
N VAL A 93 -23.53 -1.49 -26.13
CA VAL A 93 -23.22 -1.64 -24.69
C VAL A 93 -22.82 -0.29 -24.13
N ASP A 94 -23.31 -0.01 -22.91
CA ASP A 94 -22.96 1.24 -22.22
C ASP A 94 -22.93 0.98 -20.73
N LEU A 95 -22.15 1.78 -20.02
CA LEU A 95 -22.04 1.64 -18.56
C LEU A 95 -23.18 2.39 -17.86
N VAL A 96 -23.89 1.68 -16.99
CA VAL A 96 -24.94 2.27 -16.12
C VAL A 96 -24.62 1.92 -14.68
N THR A 97 -25.31 2.61 -13.78
CA THR A 97 -25.08 2.62 -12.34
C THR A 97 -25.46 1.29 -11.70
N HIS A 98 -25.11 1.17 -10.43
CA HIS A 98 -25.43 0.00 -9.59
C HIS A 98 -26.90 0.07 -9.19
N SER A 99 -27.39 1.30 -9.15
CA SER A 99 -28.74 1.68 -8.72
C SER A 99 -29.77 0.98 -9.61
N ASP A 100 -30.86 0.49 -9.05
CA ASP A 100 -31.74 -0.38 -9.86
C ASP A 100 -32.38 0.41 -10.98
N PRO A 101 -32.80 1.68 -10.81
CA PRO A 101 -33.25 2.47 -11.94
C PRO A 101 -31.93 2.76 -12.64
N PRO A 102 -31.75 2.31 -13.89
CA PRO A 102 -30.47 2.45 -14.58
C PRO A 102 -30.37 3.80 -15.22
N ARG A 103 -29.37 4.54 -14.78
CA ARG A 103 -29.01 5.83 -15.37
C ARG A 103 -27.61 5.62 -15.91
N ALA A 104 -27.21 6.39 -16.90
CA ALA A 104 -25.84 6.34 -17.48
C ALA A 104 -24.76 6.71 -16.45
N HIS A 105 -23.71 5.89 -16.40
CA HIS A 105 -22.56 6.02 -15.49
C HIS A 105 -21.52 7.02 -16.01
N ALA A 106 -20.78 7.60 -15.08
CA ALA A 106 -19.77 8.65 -15.30
C ALA A 106 -18.62 8.05 -16.12
N HIS A 107 -18.29 6.79 -15.83
CA HIS A 107 -17.26 6.03 -16.57
C HIS A 107 -17.74 5.77 -17.99
N SER A 108 -16.77 5.53 -18.86
CA SER A 108 -17.02 5.17 -20.28
C SER A 108 -16.37 3.83 -20.61
N LEU A 109 -16.86 3.21 -21.68
CA LEU A 109 -16.22 2.02 -22.25
C LEU A 109 -15.30 2.45 -23.37
N VAL A 110 -14.12 1.88 -23.39
CA VAL A 110 -13.13 2.11 -24.46
C VAL A 110 -12.81 0.76 -25.09
N GLY A 111 -12.52 0.75 -26.40
CA GLY A 111 -12.04 -0.45 -27.13
C GLY A 111 -12.08 -0.29 -28.64
N LYS A 112 -11.76 -1.37 -29.36
CA LYS A 112 -11.71 -1.31 -30.83
C LYS A 112 -13.09 -0.99 -31.42
N GLN A 113 -14.17 -1.52 -30.85
CA GLN A 113 -15.53 -1.35 -31.48
C GLN A 113 -16.11 0.06 -31.21
N CYS A 114 -15.88 0.51 -29.98
CA CYS A 114 -16.34 1.72 -29.26
C CYS A 114 -16.07 3.02 -29.98
N SER A 115 -16.99 3.97 -29.77
CA SER A 115 -16.88 5.41 -30.09
C SER A 115 -16.26 6.10 -28.90
N GLU A 116 -16.24 7.41 -29.01
CA GLU A 116 -15.76 8.26 -27.92
C GLU A 116 -16.82 8.53 -26.86
N LEU A 117 -18.05 8.11 -27.15
CA LEU A 117 -19.20 8.43 -26.27
C LEU A 117 -19.26 7.40 -25.16
N GLY A 118 -18.44 6.37 -25.26
CA GLY A 118 -18.47 5.26 -24.30
C GLY A 118 -19.45 4.18 -24.73
N ILE A 119 -19.71 4.09 -26.02
CA ILE A 119 -20.73 3.16 -26.55
C ILE A 119 -20.07 2.15 -27.48
N CYS A 120 -20.07 0.89 -27.07
CA CYS A 120 -19.46 -0.20 -27.82
C CYS A 120 -20.62 -0.88 -28.54
N ALA A 121 -20.42 -1.21 -29.79
CA ALA A 121 -21.47 -1.70 -30.68
C ALA A 121 -20.90 -2.86 -31.45
N VAL A 122 -21.70 -3.89 -31.55
CA VAL A 122 -21.41 -5.02 -32.47
C VAL A 122 -22.59 -5.43 -33.33
N SER A 123 -22.26 -6.04 -34.46
CA SER A 123 -23.25 -6.54 -35.45
C SER A 123 -23.41 -8.07 -35.37
N VAL A 124 -24.62 -8.56 -35.58
CA VAL A 124 -24.86 -10.02 -35.64
C VAL A 124 -25.48 -10.33 -37.00
N GLY A 125 -24.80 -11.21 -37.74
CA GLY A 125 -25.28 -11.75 -39.04
C GLY A 125 -26.47 -12.70 -38.89
N PRO A 126 -27.18 -13.06 -39.99
CA PRO A 126 -28.40 -13.85 -39.83
C PRO A 126 -28.14 -15.27 -39.30
N LYS A 127 -26.93 -15.76 -39.46
CA LYS A 127 -26.52 -17.07 -38.94
C LYS A 127 -26.40 -16.95 -37.43
N ASP A 128 -25.53 -16.05 -36.99
CA ASP A 128 -25.03 -16.02 -35.59
C ASP A 128 -25.62 -14.81 -34.90
N MET A 129 -26.48 -15.04 -33.91
CA MET A 129 -27.15 -13.94 -33.22
C MET A 129 -26.50 -13.73 -31.86
N THR A 130 -25.29 -14.24 -31.70
CA THR A 130 -24.54 -14.11 -30.43
C THR A 130 -23.36 -13.17 -30.59
N ALA A 131 -23.16 -12.27 -29.64
CA ALA A 131 -22.14 -11.23 -29.71
C ALA A 131 -21.27 -11.38 -28.48
N GLN A 132 -19.98 -11.52 -28.71
CA GLN A 132 -18.91 -11.45 -27.67
C GLN A 132 -18.31 -10.06 -27.65
N PHE A 133 -17.99 -9.52 -26.49
CA PHE A 133 -17.31 -8.22 -26.32
C PHE A 133 -15.97 -8.38 -25.62
N ASN A 134 -14.88 -8.35 -26.39
CA ASN A 134 -13.63 -9.00 -25.96
C ASN A 134 -12.52 -8.00 -25.72
N ASN A 135 -12.73 -6.73 -26.05
CA ASN A 135 -11.71 -5.69 -25.82
C ASN A 135 -12.35 -4.59 -24.98
N LEU A 136 -13.27 -4.99 -24.14
CA LEU A 136 -14.02 -4.04 -23.29
C LEU A 136 -13.16 -3.57 -22.13
N GLY A 137 -13.00 -2.25 -22.01
CA GLY A 137 -12.26 -1.59 -20.94
C GLY A 137 -13.01 -0.46 -20.32
N VAL A 138 -12.69 -0.08 -19.08
CA VAL A 138 -13.54 0.81 -18.27
C VAL A 138 -12.70 2.04 -17.93
N LEU A 139 -13.05 3.17 -18.47
CA LEU A 139 -12.31 4.42 -18.23
C LEU A 139 -12.79 4.96 -16.90
N HIS A 140 -11.90 5.09 -15.96
CA HIS A 140 -12.18 5.74 -14.65
C HIS A 140 -12.00 7.27 -14.68
N VAL A 141 -13.06 7.98 -14.36
CA VAL A 141 -13.06 9.46 -14.43
C VAL A 141 -12.55 9.96 -13.11
N THR A 142 -11.89 11.11 -13.12
CA THR A 142 -11.43 11.80 -11.91
C THR A 142 -12.58 12.57 -11.28
N LYS A 143 -12.59 12.64 -9.95
CA LYS A 143 -13.65 13.32 -9.19
C LYS A 143 -13.71 14.81 -9.52
N LYS A 144 -12.62 15.31 -10.09
CA LYS A 144 -12.49 16.65 -10.70
C LYS A 144 -13.20 16.68 -12.05
N ASN A 145 -12.85 15.70 -12.88
CA ASN A 145 -13.36 15.58 -14.27
C ASN A 145 -14.84 15.24 -14.26
N MET A 146 -15.25 14.56 -13.21
CA MET A 146 -16.56 13.91 -13.16
C MET A 146 -17.69 14.83 -13.60
N MET A 147 -17.82 16.00 -12.98
CA MET A 147 -18.96 16.90 -13.21
C MET A 147 -19.05 17.31 -14.68
N GLY A 148 -17.96 17.82 -15.21
CA GLY A 148 -17.94 18.25 -16.61
C GLY A 148 -18.33 17.10 -17.55
N THR A 149 -17.65 15.99 -17.37
CA THR A 149 -17.76 14.84 -18.32
C THR A 149 -19.19 14.36 -18.20
N MET A 150 -19.83 14.51 -17.05
CA MET A 150 -21.16 13.91 -16.89
C MET A 150 -22.15 14.67 -17.78
N ILE A 151 -22.07 16.00 -17.77
CA ILE A 151 -23.03 16.91 -18.49
C ILE A 151 -22.98 16.65 -19.99
N GLN A 152 -21.83 16.21 -20.50
CA GLN A 152 -21.73 15.84 -21.95
C GLN A 152 -22.59 14.61 -22.21
N LYS A 153 -22.54 13.59 -21.37
CA LYS A 153 -23.30 12.35 -21.59
C LYS A 153 -24.78 12.64 -21.42
N LEU A 154 -25.06 13.60 -20.55
CA LEU A 154 -26.45 14.00 -20.19
C LEU A 154 -27.07 14.75 -21.37
N GLN A 155 -26.29 15.60 -22.04
CA GLN A 155 -26.79 16.35 -23.20
C GLN A 155 -27.47 15.45 -24.21
N ARG A 156 -27.21 14.15 -24.14
CA ARG A 156 -27.88 13.24 -25.06
C ARG A 156 -29.41 13.28 -24.84
N GLN A 157 -29.86 13.08 -23.62
CA GLN A 157 -31.32 13.08 -23.44
C GLN A 157 -31.92 14.44 -23.76
N ARG A 158 -31.12 15.49 -23.95
CA ARG A 158 -31.57 16.79 -24.48
C ARG A 158 -31.69 16.65 -25.99
N LEU A 159 -30.98 15.74 -26.63
CA LEU A 159 -31.17 15.52 -28.10
C LEU A 159 -32.62 15.06 -28.37
N ARG A 160 -33.05 13.98 -27.71
CA ARG A 160 -34.31 13.24 -28.04
C ARG A 160 -35.50 14.20 -27.97
N SER A 161 -35.76 14.82 -26.80
CA SER A 161 -36.86 15.80 -26.58
C SER A 161 -36.31 17.22 -26.77
N GLY A 165 -33.51 18.84 -30.79
CA GLY A 165 -33.63 20.31 -30.79
C GLY A 165 -34.18 20.85 -29.51
N LEU A 166 -33.94 20.14 -28.41
CA LEU A 166 -34.31 20.66 -27.07
C LEU A 166 -33.39 21.83 -26.73
N THR A 167 -33.95 23.03 -26.76
CA THR A 167 -33.13 24.27 -26.75
C THR A 167 -32.20 24.28 -25.52
N GLU A 168 -30.94 24.64 -25.76
CA GLU A 168 -29.95 24.72 -24.68
C GLU A 168 -30.40 25.60 -23.54
N ALA A 169 -31.46 26.37 -23.70
CA ALA A 169 -32.08 27.16 -22.63
C ALA A 169 -32.26 26.29 -21.40
N GLU A 170 -32.68 25.03 -21.51
CA GLU A 170 -33.05 24.31 -20.26
C GLU A 170 -31.94 23.44 -19.71
N GLN A 171 -30.70 23.85 -19.88
CA GLN A 171 -29.52 23.15 -19.37
C GLN A 171 -29.49 23.12 -17.86
N ARG A 172 -29.97 24.20 -17.24
CA ARG A 172 -30.08 24.37 -15.77
C ARG A 172 -31.01 23.30 -15.20
N GLU A 173 -32.13 23.01 -15.87
CA GLU A 173 -33.09 21.96 -15.48
C GLU A 173 -32.29 20.66 -15.48
N LEU A 174 -31.57 20.38 -16.57
CA LEU A 174 -30.81 19.10 -16.62
C LEU A 174 -29.73 18.95 -15.56
N GLU A 175 -29.06 19.99 -15.13
CA GLU A 175 -27.84 19.94 -14.28
C GLU A 175 -27.98 19.38 -12.88
N GLN A 176 -28.92 19.85 -12.06
CA GLN A 176 -28.97 19.45 -10.64
C GLN A 176 -29.00 17.94 -10.48
N GLU A 177 -29.43 17.22 -11.50
CA GLU A 177 -29.45 15.75 -11.49
C GLU A 177 -28.02 15.33 -11.27
N ALA A 178 -27.12 15.84 -12.12
CA ALA A 178 -25.68 15.56 -12.01
C ALA A 178 -25.15 15.90 -10.61
N LYS A 179 -25.42 17.13 -10.19
CA LYS A 179 -24.86 17.69 -8.94
C LYS A 179 -25.21 16.76 -7.80
N GLU A 180 -26.36 16.10 -7.85
CA GLU A 180 -26.68 15.13 -6.76
C GLU A 180 -26.43 13.68 -7.18
N LEU A 181 -26.21 13.42 -8.45
CA LEU A 181 -25.86 12.08 -8.92
C LEU A 181 -24.40 11.89 -8.54
N LYS A 182 -23.69 12.99 -8.38
CA LYS A 182 -22.26 13.02 -8.09
C LYS A 182 -21.99 12.66 -6.64
N LYS A 183 -22.99 12.70 -5.78
CA LYS A 183 -22.80 12.41 -4.33
C LYS A 183 -23.21 10.96 -4.00
N VAL A 184 -24.12 10.44 -4.81
CA VAL A 184 -24.81 9.13 -4.62
C VAL A 184 -24.27 8.07 -5.57
N MET A 185 -23.30 8.40 -6.43
CA MET A 185 -22.93 7.45 -7.51
C MET A 185 -21.64 6.71 -7.20
N ASP A 186 -21.73 5.39 -7.10
CA ASP A 186 -20.61 4.51 -6.78
C ASP A 186 -19.76 4.33 -8.04
N LEU A 187 -18.52 4.78 -7.94
CA LEU A 187 -17.50 4.62 -9.00
C LEU A 187 -16.68 3.36 -8.86
N SER A 188 -16.87 2.62 -7.78
CA SER A 188 -16.29 1.29 -7.52
C SER A 188 -17.11 0.20 -8.20
N ILE A 189 -18.33 0.53 -8.59
CA ILE A 189 -19.22 -0.50 -9.19
C ILE A 189 -19.92 0.05 -10.41
N VAL A 190 -19.96 -0.74 -11.47
CA VAL A 190 -20.76 -0.44 -12.68
C VAL A 190 -21.48 -1.72 -13.08
N ARG A 191 -22.42 -1.59 -14.00
CA ARG A 191 -23.14 -2.64 -14.70
C ARG A 191 -23.16 -2.23 -16.16
N LEU A 192 -23.27 -3.26 -16.99
CA LEU A 192 -23.33 -3.19 -18.47
C LEU A 192 -24.80 -3.18 -18.85
N ARG A 193 -25.13 -2.40 -19.85
CA ARG A 193 -26.50 -2.34 -20.38
C ARG A 193 -26.43 -2.61 -21.86
N PHE A 194 -26.94 -3.76 -22.24
CA PHE A 194 -26.92 -4.28 -23.62
C PHE A 194 -28.22 -3.88 -24.30
N SER A 195 -28.13 -3.17 -25.41
CA SER A 195 -29.33 -2.69 -26.07
C SER A 195 -29.26 -3.17 -27.49
N ALA A 196 -30.12 -4.11 -27.83
CA ALA A 196 -30.18 -4.70 -29.19
C ALA A 196 -31.14 -3.94 -30.10
N PHE A 197 -30.81 -3.87 -31.38
CA PHE A 197 -31.69 -3.24 -32.41
C PHE A 197 -31.74 -4.11 -33.65
N LEU A 198 -32.92 -4.23 -34.22
CA LEU A 198 -33.09 -5.07 -35.41
C LEU A 198 -33.30 -4.16 -36.60
N ARG A 199 -32.60 -4.47 -37.69
CA ARG A 199 -32.54 -3.71 -38.94
C ARG A 199 -33.90 -3.71 -39.64
N ALA A 200 -34.40 -2.54 -40.04
CA ALA A 200 -35.55 -2.41 -40.99
C ALA A 200 -35.01 -2.55 -42.43
N SER A 201 -35.91 -2.81 -43.39
CA SER A 201 -35.56 -2.97 -44.84
C SER A 201 -34.62 -1.83 -45.27
N ASP A 202 -35.02 -0.59 -45.01
CA ASP A 202 -34.19 0.63 -45.20
C ASP A 202 -34.60 1.63 -44.12
N GLY A 203 -33.81 2.68 -43.91
CA GLY A 203 -33.79 3.41 -42.63
C GLY A 203 -33.57 2.41 -41.52
N SER A 204 -32.46 1.67 -41.62
CA SER A 204 -32.15 0.40 -40.91
C SER A 204 -31.95 0.60 -39.40
N PHE A 205 -31.77 -0.51 -38.69
CA PHE A 205 -31.38 -0.66 -37.26
C PHE A 205 -32.11 0.33 -36.34
N SER A 206 -33.37 0.62 -36.63
CA SER A 206 -34.16 1.62 -35.87
C SER A 206 -35.12 0.93 -34.91
N LEU A 207 -35.37 -0.35 -35.09
CA LEU A 207 -36.34 -1.12 -34.27
C LEU A 207 -35.65 -1.70 -33.03
N PRO A 208 -36.12 -1.34 -31.81
CA PRO A 208 -35.44 -1.71 -30.57
C PRO A 208 -35.99 -2.90 -29.78
N LEU A 209 -35.15 -3.69 -29.15
CA LEU A 209 -35.54 -4.78 -28.27
C LEU A 209 -35.54 -4.18 -26.87
N LYS A 210 -36.14 -4.87 -25.91
CA LYS A 210 -35.97 -4.49 -24.48
C LYS A 210 -34.51 -4.68 -24.06
N PRO A 211 -33.86 -3.66 -23.39
CA PRO A 211 -32.53 -3.74 -22.80
C PRO A 211 -32.33 -4.69 -21.62
N VAL A 212 -31.12 -5.17 -21.48
CA VAL A 212 -30.79 -6.23 -20.49
C VAL A 212 -29.63 -5.77 -19.65
N ILE A 213 -29.80 -5.68 -18.34
CA ILE A 213 -28.68 -5.27 -17.43
C ILE A 213 -27.96 -6.46 -16.79
N SER A 214 -26.63 -6.39 -16.89
CA SER A 214 -25.69 -7.38 -16.35
C SER A 214 -25.65 -7.29 -14.82
N GLN A 215 -24.96 -8.26 -14.24
CA GLN A 215 -24.52 -8.28 -12.84
C GLN A 215 -23.60 -7.10 -12.58
N PRO A 216 -23.44 -6.65 -11.32
CA PRO A 216 -22.51 -5.56 -11.02
C PRO A 216 -21.04 -5.94 -11.15
N ILE A 217 -20.21 -4.93 -11.50
CA ILE A 217 -18.78 -5.17 -11.80
C ILE A 217 -18.00 -4.37 -10.80
N HIS A 218 -17.37 -5.04 -9.84
CA HIS A 218 -16.59 -4.30 -8.82
C HIS A 218 -15.17 -4.03 -9.31
N ASP A 219 -14.77 -2.76 -9.36
CA ASP A 219 -13.36 -2.39 -9.55
C ASP A 219 -12.48 -3.22 -8.62
N SER A 220 -11.48 -3.88 -9.19
CA SER A 220 -10.54 -4.74 -8.43
C SER A 220 -9.66 -3.91 -7.52
N LYS A 221 -9.41 -2.68 -7.94
CA LYS A 221 -8.53 -1.75 -7.21
C LYS A 221 -9.24 -1.05 -6.07
N SER A 222 -10.47 -1.44 -5.81
CA SER A 222 -11.17 -0.92 -4.62
C SER A 222 -10.98 -1.90 -3.47
N PRO A 223 -11.29 -1.53 -2.20
CA PRO A 223 -10.78 -2.22 -1.01
C PRO A 223 -11.22 -3.65 -0.69
N GLY A 224 -12.53 -3.88 -0.69
CA GLY A 224 -13.14 -5.21 -0.44
C GLY A 224 -13.53 -5.90 -1.73
N ALA A 225 -12.98 -5.38 -2.82
CA ALA A 225 -13.33 -5.75 -4.22
C ALA A 225 -12.48 -6.91 -4.73
N SER A 226 -11.55 -7.37 -3.92
CA SER A 226 -10.76 -8.58 -4.31
C SER A 226 -11.38 -9.88 -3.79
N ASN A 227 -11.05 -10.98 -4.45
CA ASN A 227 -11.41 -12.32 -3.96
C ASN A 227 -10.48 -12.59 -2.80
N LEU A 228 -11.06 -12.97 -1.69
CA LEU A 228 -10.29 -13.57 -0.57
C LEU A 228 -9.74 -14.92 -1.00
N LYS A 229 -8.43 -15.00 -1.03
CA LYS A 229 -7.73 -16.29 -1.30
C LYS A 229 -6.82 -16.70 -0.15
N ILE A 230 -6.94 -17.96 0.26
CA ILE A 230 -6.05 -18.57 1.25
C ILE A 230 -4.95 -19.23 0.42
N SER A 231 -3.74 -18.71 0.56
CA SER A 231 -2.60 -19.18 -0.28
C SER A 231 -2.04 -20.44 0.35
N ARG A 232 -1.80 -20.44 1.64
CA ARG A 232 -1.08 -21.50 2.31
C ARG A 232 -1.35 -21.50 3.81
N MET A 233 -1.33 -22.63 4.49
CA MET A 233 -1.31 -22.54 5.94
C MET A 233 -0.41 -23.62 6.49
N ASP A 234 0.28 -23.34 7.58
CA ASP A 234 1.25 -24.24 8.18
C ASP A 234 0.59 -25.44 8.81
N LYS A 235 -0.68 -25.39 9.17
CA LYS A 235 -1.31 -26.58 9.78
C LYS A 235 -2.64 -26.90 9.12
N THR A 236 -2.92 -28.16 8.91
CA THR A 236 -4.25 -28.60 8.42
C THR A 236 -4.79 -29.69 9.34
N ALA A 237 -4.40 -29.66 10.59
CA ALA A 237 -4.85 -30.69 11.54
C ALA A 237 -4.65 -30.12 12.93
N GLY A 238 -5.47 -30.65 13.84
CA GLY A 238 -5.32 -30.32 15.25
C GLY A 238 -6.01 -31.32 16.11
N SER A 239 -6.05 -31.03 17.39
CA SER A 239 -6.81 -31.81 18.39
C SER A 239 -8.22 -31.26 18.51
N VAL A 240 -9.16 -32.09 18.88
CA VAL A 240 -10.56 -31.66 19.10
C VAL A 240 -10.61 -30.55 20.16
N ARG A 241 -9.56 -30.47 20.99
CA ARG A 241 -9.46 -29.52 22.12
C ARG A 241 -9.52 -28.08 21.59
N GLY A 242 -8.87 -27.85 20.45
CA GLY A 242 -8.61 -26.52 19.94
C GLY A 242 -7.33 -25.95 20.49
N GLY A 243 -7.13 -24.70 20.08
CA GLY A 243 -6.01 -23.87 20.57
C GLY A 243 -4.66 -24.32 20.07
N ASP A 244 -4.65 -24.86 18.86
CA ASP A 244 -3.42 -25.07 18.07
C ASP A 244 -3.20 -23.81 17.25
N GLU A 245 -1.96 -23.33 17.26
CA GLU A 245 -1.56 -22.11 16.51
C GLU A 245 -1.31 -22.38 15.02
N VAL A 246 -2.05 -21.68 14.18
CA VAL A 246 -1.97 -21.75 12.71
C VAL A 246 -1.54 -20.42 12.09
N TYR A 247 -0.53 -20.45 11.22
CA TYR A 247 -0.07 -19.31 10.41
C TYR A 247 -0.79 -19.46 9.07
N LEU A 248 -1.62 -18.52 8.72
CA LEU A 248 -2.38 -18.56 7.45
C LEU A 248 -1.86 -17.46 6.56
N LEU A 249 -1.43 -17.79 5.33
CA LEU A 249 -0.97 -16.78 4.37
C LEU A 249 -2.14 -16.47 3.45
N CYS A 250 -2.42 -15.22 3.23
CA CYS A 250 -3.53 -14.87 2.30
C CYS A 250 -3.21 -13.68 1.39
N ASP A 251 -4.14 -13.27 0.55
CA ASP A 251 -4.04 -12.06 -0.28
C ASP A 251 -4.56 -10.97 0.62
N LYS A 252 -4.57 -9.74 0.15
CA LYS A 252 -4.98 -8.58 1.01
C LYS A 252 -6.25 -8.80 1.84
N VAL A 253 -6.14 -8.60 3.15
CA VAL A 253 -7.29 -8.73 4.07
C VAL A 253 -7.28 -7.50 4.95
N GLN A 254 -8.46 -6.95 5.21
CA GLN A 254 -8.62 -5.74 6.01
C GLN A 254 -8.47 -6.17 7.46
N LYS A 255 -7.76 -5.36 8.25
CA LYS A 255 -7.32 -5.72 9.63
C LYS A 255 -8.45 -6.23 10.51
N ASP A 256 -9.49 -5.45 10.69
CA ASP A 256 -10.55 -5.88 11.61
C ASP A 256 -11.78 -6.31 10.83
N ASP A 257 -11.69 -6.29 9.51
CA ASP A 257 -12.80 -6.71 8.65
C ASP A 257 -12.58 -8.16 8.22
N ILE A 258 -11.82 -8.89 8.98
CA ILE A 258 -11.59 -10.32 8.61
C ILE A 258 -11.90 -11.25 9.77
N GLU A 259 -12.25 -12.49 9.45
CA GLU A 259 -12.38 -13.54 10.49
C GLU A 259 -12.08 -14.88 9.85
N VAL A 260 -12.14 -15.92 10.68
CA VAL A 260 -11.69 -17.28 10.26
C VAL A 260 -12.71 -18.32 10.74
N ARG A 261 -13.58 -18.66 9.82
CA ARG A 261 -14.78 -19.48 10.03
C ARG A 261 -14.48 -20.96 9.82
N PHE A 262 -14.76 -21.74 10.84
CA PHE A 262 -14.66 -23.22 10.80
C PHE A 262 -16.04 -23.87 10.76
N TYR A 263 -16.46 -24.36 9.58
CA TYR A 263 -17.89 -24.74 9.37
C TYR A 263 -18.01 -26.12 8.75
N GLU A 264 -19.12 -26.78 9.02
CA GLU A 264 -19.50 -28.10 8.51
C GLU A 264 -20.74 -27.89 7.67
N ASP A 265 -20.61 -28.08 6.36
CA ASP A 265 -21.69 -27.95 5.38
C ASP A 265 -22.76 -28.98 5.76
N ASP A 266 -22.40 -30.25 5.89
CA ASP A 266 -23.36 -31.36 6.18
C ASP A 266 -23.92 -31.26 7.59
N GLU A 267 -23.06 -31.43 8.59
CA GLU A 267 -23.49 -31.75 9.98
C GLU A 267 -24.03 -30.45 10.60
N ASN A 268 -25.35 -30.25 10.40
CA ASN A 268 -26.30 -29.35 11.10
C ASN A 268 -25.67 -27.96 11.34
N GLY A 269 -25.05 -27.41 10.30
CA GLY A 269 -24.52 -26.02 10.24
C GLY A 269 -23.65 -25.65 11.42
N TRP A 270 -23.09 -26.58 12.18
CA TRP A 270 -22.24 -26.20 13.34
C TRP A 270 -21.12 -25.32 12.81
N GLN A 271 -20.80 -24.21 13.48
CA GLN A 271 -19.63 -23.43 13.07
C GLN A 271 -19.00 -22.82 14.31
N ALA A 272 -17.77 -22.39 14.12
CA ALA A 272 -16.92 -21.79 15.16
C ALA A 272 -16.00 -20.82 14.47
N PHE A 273 -15.21 -20.11 15.25
CA PHE A 273 -14.17 -19.21 14.68
C PHE A 273 -12.78 -19.35 15.31
N GLY A 274 -11.75 -18.97 14.55
CA GLY A 274 -10.40 -18.84 15.09
C GLY A 274 -10.24 -17.53 15.78
N ASP A 275 -9.48 -17.54 16.89
CA ASP A 275 -9.43 -16.46 17.89
C ASP A 275 -8.06 -15.80 17.76
N PHE A 276 -8.11 -14.53 17.42
CA PHE A 276 -6.91 -13.71 17.20
C PHE A 276 -7.31 -12.24 17.31
N SER A 277 -6.33 -11.41 17.66
CA SER A 277 -6.50 -9.94 17.69
C SER A 277 -5.99 -9.39 16.37
N PRO A 278 -6.48 -8.22 15.93
CA PRO A 278 -6.00 -7.61 14.69
C PRO A 278 -4.50 -7.31 14.64
N THR A 279 -3.81 -7.47 15.77
CA THR A 279 -2.33 -7.39 15.89
C THR A 279 -1.74 -8.58 15.17
N ASP A 280 -2.50 -9.67 15.20
CA ASP A 280 -2.11 -10.94 14.57
C ASP A 280 -2.32 -10.91 13.06
N VAL A 281 -2.84 -9.81 12.54
CA VAL A 281 -2.86 -9.62 11.08
C VAL A 281 -1.58 -8.89 10.76
N HIS A 282 -0.66 -9.62 10.18
CA HIS A 282 0.66 -9.12 9.70
C HIS A 282 0.60 -8.53 8.28
N LYS A 283 0.79 -7.22 8.12
CA LYS A 283 0.98 -6.51 6.85
C LYS A 283 -0.17 -6.78 5.89
N GLN A 284 -1.33 -7.18 6.42
CA GLN A 284 -2.56 -7.60 5.68
C GLN A 284 -2.34 -8.77 4.69
N TYR A 285 -1.36 -9.62 4.96
CA TYR A 285 -1.12 -10.84 4.15
C TYR A 285 -0.98 -12.13 4.97
N ALA A 286 -1.20 -12.04 6.28
CA ALA A 286 -1.02 -13.23 7.13
C ALA A 286 -1.94 -13.10 8.32
N ILE A 287 -2.24 -14.21 8.91
CA ILE A 287 -3.01 -14.26 10.17
C ILE A 287 -2.41 -15.35 11.03
N VAL A 288 -2.03 -15.04 12.26
CA VAL A 288 -1.70 -16.09 13.26
C VAL A 288 -2.92 -16.25 14.13
N PHE A 289 -3.43 -17.44 14.19
CA PHE A 289 -4.60 -17.70 15.05
C PHE A 289 -4.48 -19.05 15.77
N ARG A 290 -5.42 -19.26 16.67
CA ARG A 290 -5.64 -20.59 17.29
C ARG A 290 -6.94 -21.20 16.72
N THR A 291 -6.96 -22.53 16.66
CA THR A 291 -8.15 -23.31 16.26
C THR A 291 -9.23 -23.23 17.35
N PRO A 292 -10.54 -23.13 16.97
CA PRO A 292 -11.70 -23.29 17.88
C PRO A 292 -11.91 -24.75 18.22
N PRO A 293 -12.42 -25.13 19.42
CA PRO A 293 -12.56 -26.55 19.69
C PRO A 293 -13.71 -27.15 18.86
N TYR A 294 -13.57 -28.41 18.48
CA TYR A 294 -14.63 -29.09 17.73
C TYR A 294 -15.87 -29.25 18.61
N HIS A 295 -17.07 -29.16 18.01
CA HIS A 295 -18.32 -29.22 18.82
C HIS A 295 -18.50 -30.55 19.53
N LYS A 296 -17.99 -31.65 18.98
CA LYS A 296 -18.16 -33.00 19.52
C LYS A 296 -16.79 -33.51 19.98
N MET A 297 -16.52 -33.62 21.26
CA MET A 297 -15.15 -34.01 21.69
C MET A 297 -15.08 -35.47 22.09
N LYS A 298 -16.13 -36.24 21.80
CA LYS A 298 -16.18 -37.67 22.11
C LYS A 298 -15.69 -38.40 20.86
N ILE A 299 -15.01 -37.66 20.01
CA ILE A 299 -14.54 -38.16 18.68
C ILE A 299 -13.78 -39.47 18.86
N GLU A 300 -14.11 -40.49 18.08
CA GLU A 300 -13.26 -41.69 18.13
C GLU A 300 -12.33 -41.75 16.93
N ARG A 301 -12.92 -41.49 15.76
CA ARG A 301 -12.20 -41.35 14.50
C ARG A 301 -12.22 -39.88 14.13
N PRO A 302 -11.15 -39.37 13.46
CA PRO A 302 -11.01 -37.98 13.03
C PRO A 302 -12.02 -37.47 12.02
N VAL A 303 -12.34 -36.19 12.11
CA VAL A 303 -13.39 -35.55 11.26
C VAL A 303 -12.80 -34.40 10.47
N THR A 304 -12.87 -34.45 9.15
CA THR A 304 -12.42 -33.38 8.27
C THR A 304 -13.47 -32.29 8.24
N VAL A 305 -13.02 -31.05 8.28
CA VAL A 305 -13.91 -29.88 8.34
C VAL A 305 -13.40 -28.90 7.30
N PHE A 306 -14.17 -27.87 7.09
CA PHE A 306 -13.76 -26.69 6.27
C PHE A 306 -13.51 -25.46 7.14
N LEU A 307 -12.54 -24.69 6.68
CA LEU A 307 -12.28 -23.39 7.29
C LEU A 307 -12.12 -22.40 6.16
N GLN A 308 -12.54 -21.17 6.39
CA GLN A 308 -12.51 -20.13 5.39
C GLN A 308 -12.35 -18.78 6.06
N LEU A 309 -11.89 -17.86 5.26
CA LEU A 309 -11.81 -16.45 5.63
C LEU A 309 -13.15 -15.80 5.28
N LYS A 310 -13.60 -14.94 6.13
CA LYS A 310 -14.88 -14.25 5.82
C LYS A 310 -14.84 -12.84 6.34
N ARG A 311 -15.05 -11.83 5.48
CA ARG A 311 -15.26 -10.45 5.94
C ARG A 311 -16.44 -10.39 6.90
N LYS A 312 -16.33 -9.50 7.89
CA LYS A 312 -17.34 -9.32 8.96
C LYS A 312 -18.44 -8.42 8.46
N ARG A 313 -18.22 -7.66 7.39
CA ARG A 313 -19.28 -6.81 6.86
C ARG A 313 -19.52 -7.16 5.39
N GLY A 314 -18.46 -7.40 4.63
CA GLY A 314 -18.60 -7.83 3.22
C GLY A 314 -19.52 -9.02 3.11
N GLY A 315 -19.30 -10.01 3.96
CA GLY A 315 -20.09 -11.25 3.98
C GLY A 315 -19.50 -12.38 3.15
N ASP A 316 -18.62 -12.03 2.21
CA ASP A 316 -18.16 -12.94 1.14
C ASP A 316 -16.96 -13.72 1.62
N VAL A 317 -17.00 -15.02 1.43
CA VAL A 317 -15.96 -15.89 2.00
C VAL A 317 -14.85 -16.12 0.99
N SER A 318 -13.74 -16.61 1.50
CA SER A 318 -12.60 -17.11 0.75
C SER A 318 -12.93 -18.50 0.25
N ASP A 319 -12.17 -18.98 -0.72
CA ASP A 319 -12.26 -20.39 -1.16
C ASP A 319 -11.75 -21.26 -0.03
N SER A 320 -12.58 -22.18 0.43
CA SER A 320 -12.42 -22.95 1.68
C SER A 320 -11.37 -24.05 1.54
N LYS A 321 -10.76 -24.37 2.65
CA LYS A 321 -9.67 -25.36 2.78
C LYS A 321 -10.12 -26.34 3.85
N GLN A 322 -9.67 -27.58 3.73
CA GLN A 322 -10.03 -28.69 4.66
C GLN A 322 -9.15 -28.73 5.91
N PHE A 323 -9.75 -29.05 7.04
CA PHE A 323 -9.02 -29.13 8.31
C PHE A 323 -9.52 -30.36 9.03
N THR A 324 -8.59 -31.14 9.54
CA THR A 324 -8.91 -32.42 10.19
C THR A 324 -8.68 -32.27 11.69
N TYR A 325 -9.40 -33.05 12.46
CA TYR A 325 -9.43 -33.00 13.94
C TYR A 325 -9.26 -34.39 14.54
N TYR A 326 -8.20 -34.60 15.29
CA TYR A 326 -7.95 -35.89 15.95
C TYR A 326 -8.47 -35.81 17.39
N PRO A 327 -9.04 -36.97 17.86
CA PRO A 327 -9.62 -37.21 19.20
C PRO A 327 -8.58 -37.13 20.31
N LEU A 328 -9.04 -36.93 21.54
CA LEU A 328 -8.20 -36.86 22.77
C LEU A 328 -7.56 -38.24 22.98
N VAL A 329 -6.27 -38.28 23.33
CA VAL A 329 -5.48 -39.55 23.46
C VAL A 329 -5.04 -39.74 24.91
N THR C 34 39.13 15.96 23.45
CA THR C 34 38.39 16.75 22.40
C THR C 34 39.14 18.08 22.19
N ALA C 35 38.86 18.77 21.07
CA ALA C 35 39.35 20.14 20.77
C ALA C 35 39.12 21.03 22.01
N ASP C 36 40.12 21.83 22.38
CA ASP C 36 40.18 22.48 23.73
C ASP C 36 39.12 23.58 23.88
N GLY C 37 39.03 24.54 22.95
CA GLY C 37 38.04 25.63 22.98
C GLY C 37 36.59 25.13 22.96
N PRO C 38 35.58 26.03 23.12
CA PRO C 38 34.17 25.65 23.35
C PRO C 38 33.49 25.05 22.12
N TYR C 39 32.66 24.04 22.33
CA TYR C 39 32.13 23.20 21.24
C TYR C 39 30.76 22.67 21.62
N LEU C 40 30.11 22.08 20.63
CA LEU C 40 28.71 21.58 20.73
C LEU C 40 28.73 20.07 20.67
N VAL C 41 27.84 19.39 21.39
CA VAL C 41 27.80 17.91 21.27
C VAL C 41 26.33 17.48 21.26
N ILE C 42 26.05 16.54 20.38
CA ILE C 42 24.73 15.86 20.36
C ILE C 42 24.72 14.84 21.50
N VAL C 43 23.94 15.13 22.55
CA VAL C 43 23.78 14.26 23.74
C VAL C 43 22.96 13.03 23.33
N GLU C 44 21.82 13.29 22.64
CA GLU C 44 20.89 12.26 22.14
C GLU C 44 20.48 12.56 20.71
N GLN C 45 21.01 11.73 19.81
CA GLN C 45 20.74 11.77 18.34
C GLN C 45 19.26 11.57 18.01
N PRO C 46 18.81 12.02 16.83
CA PRO C 46 17.48 11.68 16.36
C PRO C 46 17.36 10.20 15.98
N LYS C 47 16.16 9.65 16.09
CA LYS C 47 15.68 8.36 15.60
C LYS C 47 16.14 8.25 14.15
N GLN C 48 16.86 7.20 13.84
CA GLN C 48 17.36 7.05 12.44
C GLN C 48 16.32 6.51 11.45
N ARG C 49 15.32 5.74 11.89
CA ARG C 49 14.56 4.91 10.93
C ARG C 49 13.04 5.18 10.89
N GLY C 50 12.52 5.77 11.94
CA GLY C 50 11.10 5.57 12.30
C GLY C 50 10.14 6.71 11.96
N PHE C 51 10.66 7.90 11.71
CA PHE C 51 9.90 9.16 11.73
C PHE C 51 9.34 9.54 10.38
N ARG C 52 8.06 9.87 10.38
CA ARG C 52 7.34 10.17 9.14
C ARG C 52 7.36 11.67 8.82
N PHE C 53 7.77 12.00 7.59
CA PHE C 53 7.82 13.38 7.07
C PHE C 53 6.38 13.74 6.72
N ARG C 54 6.02 14.99 6.75
CA ARG C 54 4.62 15.40 6.52
C ARG C 54 4.52 16.51 5.51
N TYR C 55 3.43 16.50 4.73
CA TYR C 55 3.18 17.45 3.65
C TYR C 55 2.48 18.65 4.26
N GLY C 56 2.36 19.70 3.46
CA GLY C 56 1.72 20.96 3.89
C GLY C 56 0.27 20.76 4.29
N CYS C 57 -0.41 19.95 3.47
CA CYS C 57 -1.83 19.58 3.66
C CYS C 57 -2.04 18.83 4.98
N GLU C 58 -1.18 17.88 5.29
CA GLU C 58 -1.48 16.85 6.32
C GLU C 58 -1.85 17.47 7.67
N GLY C 59 -1.15 18.55 8.03
CA GLY C 59 -1.34 19.19 9.33
C GLY C 59 -0.03 19.47 10.04
N PRO C 60 -0.04 20.49 10.91
CA PRO C 60 1.18 20.96 11.57
C PRO C 60 1.56 20.30 12.91
N SER C 61 0.60 19.66 13.57
CA SER C 61 0.95 18.86 14.77
C SER C 61 0.59 17.42 14.49
N HIS C 62 1.53 16.66 13.96
CA HIS C 62 1.35 15.21 13.74
C HIS C 62 2.34 14.38 14.50
N GLY C 63 3.05 14.98 15.43
CA GLY C 63 4.14 14.26 16.15
C GLY C 63 5.47 14.95 15.99
N GLY C 64 6.30 14.80 17.01
CA GLY C 64 7.66 15.37 17.03
C GLY C 64 8.73 14.31 16.85
N LEU C 65 9.76 14.63 16.06
CA LEU C 65 10.91 13.77 15.81
C LEU C 65 11.46 13.39 17.17
N PRO C 66 11.33 12.10 17.56
CA PRO C 66 11.90 11.57 18.82
C PRO C 66 13.41 11.26 18.79
N GLY C 67 13.98 10.74 19.87
CA GLY C 67 15.41 10.43 19.94
C GLY C 67 15.65 8.94 19.85
N ALA C 68 16.92 8.55 19.76
CA ALA C 68 17.28 7.15 19.49
C ALA C 68 17.04 6.30 20.74
N SER C 69 16.82 6.91 21.89
CA SER C 69 16.54 6.18 23.12
C SER C 69 15.06 5.89 23.36
N SER C 70 14.18 6.57 22.63
CA SER C 70 12.74 6.69 22.98
C SER C 70 12.01 5.36 22.76
N GLU C 71 10.89 5.20 23.49
CA GLU C 71 9.95 4.04 23.50
C GLU C 71 8.54 4.59 23.72
N LYS C 72 7.53 3.73 23.90
CA LYS C 72 6.14 4.17 24.23
C LYS C 72 6.14 4.88 25.59
N GLY C 73 6.84 4.35 26.59
CA GLY C 73 6.92 4.90 27.96
C GLY C 73 7.94 6.02 28.08
N ARG C 74 9.24 5.68 28.11
CA ARG C 74 10.35 6.66 28.02
C ARG C 74 10.32 7.27 26.64
N LYS C 75 9.85 8.52 26.55
CA LYS C 75 10.03 9.31 25.30
C LYS C 75 11.23 10.22 25.46
N THR C 76 12.09 10.30 24.46
CA THR C 76 13.23 11.21 24.52
C THR C 76 13.23 11.96 23.20
N TYR C 77 13.86 13.13 23.18
CA TYR C 77 13.88 14.03 22.01
C TYR C 77 15.33 14.40 21.74
N PRO C 78 15.64 14.81 20.50
CA PRO C 78 17.03 15.15 20.15
C PRO C 78 17.59 16.22 21.08
N THR C 79 18.76 15.97 21.72
CA THR C 79 19.31 16.89 22.73
C THR C 79 20.78 17.14 22.40
N VAL C 80 21.22 18.34 22.68
CA VAL C 80 22.61 18.78 22.47
C VAL C 80 23.02 19.61 23.67
N LYS C 81 24.32 19.77 23.85
CA LYS C 81 24.86 20.49 25.00
C LYS C 81 26.02 21.35 24.50
N ILE C 82 26.17 22.55 25.03
CA ILE C 82 27.41 23.35 24.79
C ILE C 82 28.43 23.04 25.90
N CYS C 83 29.69 22.90 25.50
CA CYS C 83 30.73 22.31 26.36
C CYS C 83 31.86 23.32 26.37
N ASN C 84 32.54 23.35 27.51
CA ASN C 84 33.70 24.22 27.80
C ASN C 84 33.24 25.66 27.75
N TYR C 85 32.04 25.92 28.29
CA TYR C 85 31.47 27.27 28.40
C TYR C 85 30.15 27.23 29.17
N GLU C 86 30.00 28.23 30.06
CA GLU C 86 28.82 28.47 30.92
C GLU C 86 28.37 29.90 30.62
N GLY C 87 27.12 30.10 30.20
CA GLY C 87 26.63 31.46 29.90
C GLY C 87 25.49 31.44 28.88
N PRO C 88 24.97 32.63 28.53
CA PRO C 88 23.89 32.74 27.56
C PRO C 88 24.37 32.35 26.15
N ALA C 89 23.50 31.68 25.43
CA ALA C 89 23.80 31.06 24.13
C ALA C 89 22.48 30.71 23.52
N LYS C 90 22.45 30.79 22.20
CA LYS C 90 21.34 30.42 21.32
C LYS C 90 21.87 29.36 20.34
N ILE C 91 21.18 28.23 20.34
CA ILE C 91 21.40 27.06 19.44
C ILE C 91 20.27 27.02 18.43
N GLU C 92 20.59 26.92 17.14
CA GLU C 92 19.61 26.78 16.07
C GLU C 92 19.81 25.49 15.31
N VAL C 93 18.77 25.05 14.67
CA VAL C 93 18.70 23.73 13.97
C VAL C 93 18.10 23.92 12.61
N ASP C 94 18.67 23.25 11.61
CA ASP C 94 18.18 23.31 10.21
C ASP C 94 18.41 21.98 9.54
N LEU C 95 17.59 21.69 8.55
CA LEU C 95 17.74 20.44 7.78
C LEU C 95 18.78 20.59 6.66
N VAL C 96 19.74 19.66 6.66
CA VAL C 96 20.78 19.57 5.59
C VAL C 96 20.77 18.16 5.03
N THR C 97 21.44 18.01 3.90
CA THR C 97 21.45 16.82 3.05
C THR C 97 22.20 15.67 3.70
N HIS C 98 22.04 14.51 3.09
CA HIS C 98 22.70 13.24 3.47
C HIS C 98 24.16 13.33 3.04
N SER C 99 24.38 14.10 1.98
CA SER C 99 25.67 14.31 1.32
C SER C 99 26.68 14.87 2.33
N ASP C 100 27.92 14.39 2.31
CA ASP C 100 28.82 14.78 3.43
C ASP C 100 29.11 16.27 3.38
N PRO C 101 29.39 16.86 2.20
CA PRO C 101 29.40 18.31 2.09
C PRO C 101 27.97 18.75 2.39
N PRO C 102 27.76 19.48 3.51
CA PRO C 102 26.42 19.80 4.00
C PRO C 102 25.85 21.08 3.40
N ARG C 103 24.81 20.87 2.60
CA ARG C 103 24.08 21.96 1.95
C ARG C 103 22.69 21.92 2.56
N ALA C 104 21.99 23.04 2.49
CA ALA C 104 20.58 23.16 2.94
C ALA C 104 19.63 22.22 2.20
N HIS C 105 18.80 21.50 2.95
CA HIS C 105 17.79 20.57 2.40
C HIS C 105 16.55 21.31 1.93
N ALA C 106 15.82 20.68 1.01
CA ALA C 106 14.59 21.20 0.39
C ALA C 106 13.50 21.27 1.48
N HIS C 107 13.53 20.28 2.37
CA HIS C 107 12.60 20.18 3.51
C HIS C 107 12.88 21.30 4.51
N SER C 108 11.84 21.61 5.29
CA SER C 108 11.91 22.58 6.41
C SER C 108 11.51 21.92 7.74
N LEU C 109 11.93 22.55 8.82
CA LEU C 109 11.43 22.18 10.17
C LEU C 109 10.26 23.06 10.50
N VAL C 110 9.16 22.49 10.95
CA VAL C 110 7.97 23.25 11.36
C VAL C 110 7.81 22.96 12.85
N GLY C 111 7.69 23.96 13.70
CA GLY C 111 7.67 23.66 15.15
C GLY C 111 7.17 24.84 15.93
N LYS C 112 6.92 24.67 17.25
CA LYS C 112 6.52 25.80 18.09
C LYS C 112 7.74 26.72 18.24
N GLN C 113 8.92 26.26 17.82
CA GLN C 113 10.17 27.03 17.98
C GLN C 113 10.63 27.67 16.66
N CYS C 114 10.10 27.36 15.47
CA CYS C 114 10.87 27.61 14.21
C CYS C 114 10.43 28.88 13.45
N SER C 115 11.31 29.19 12.48
CA SER C 115 11.15 30.25 11.46
C SER C 115 10.28 29.68 10.35
N GLU C 116 9.95 30.54 9.43
CA GLU C 116 9.28 30.10 8.19
C GLU C 116 10.27 29.44 7.23
N LEU C 117 11.52 29.83 7.41
CA LEU C 117 12.66 29.42 6.61
C LEU C 117 13.11 28.03 7.03
N GLY C 118 12.52 27.53 8.12
CA GLY C 118 12.75 26.15 8.57
C GLY C 118 13.82 26.12 9.66
N ILE C 119 14.01 27.20 10.41
CA ILE C 119 15.15 27.20 11.36
C ILE C 119 14.70 27.48 12.80
N CYS C 120 14.90 26.46 13.62
CA CYS C 120 14.38 26.41 14.98
C CYS C 120 15.55 26.78 15.86
N ALA C 121 15.25 27.58 16.86
CA ALA C 121 16.22 28.20 17.77
C ALA C 121 15.77 27.98 19.18
N VAL C 122 16.72 27.63 20.01
CA VAL C 122 16.54 27.70 21.50
C VAL C 122 17.66 28.44 22.22
N SER C 123 17.29 29.04 23.34
CA SER C 123 18.20 29.80 24.21
C SER C 123 18.53 28.96 25.45
N VAL C 124 19.80 28.99 25.83
CA VAL C 124 20.28 28.26 27.06
C VAL C 124 21.06 29.22 27.97
N GLY C 125 20.48 29.51 29.13
CA GLY C 125 21.07 30.39 30.17
C GLY C 125 22.28 29.77 30.88
N PRO C 126 22.98 30.52 31.76
CA PRO C 126 24.30 30.09 32.22
C PRO C 126 24.28 28.78 33.04
N LYS C 127 23.14 28.49 33.65
CA LYS C 127 22.95 27.29 34.46
C LYS C 127 22.90 26.08 33.53
N ASP C 128 21.98 26.11 32.59
CA ASP C 128 21.60 24.95 31.76
C ASP C 128 22.16 25.14 30.35
N MET C 129 23.12 24.31 29.97
CA MET C 129 23.77 24.47 28.66
C MET C 129 23.24 23.42 27.70
N THR C 130 22.14 22.78 28.06
CA THR C 130 21.59 21.68 27.24
C THR C 130 20.25 22.08 26.64
N ALA C 131 20.05 21.74 25.38
CA ALA C 131 18.84 22.11 24.64
C ALA C 131 18.20 20.83 24.15
N GLN C 132 16.93 20.68 24.49
CA GLN C 132 16.07 19.58 23.99
C GLN C 132 15.16 20.15 22.93
N PHE C 133 14.88 19.42 21.87
CA PHE C 133 13.94 19.80 20.80
C PHE C 133 12.84 18.76 20.61
N ASN C 134 11.68 19.07 21.17
CA ASN C 134 10.65 18.05 21.43
C ASN C 134 9.44 18.24 20.55
N ASN C 135 9.38 19.32 19.78
CA ASN C 135 8.27 19.54 18.84
C ASN C 135 8.82 19.70 17.43
N LEU C 136 9.94 19.04 17.17
CA LEU C 136 10.54 19.07 15.83
C LEU C 136 9.77 18.17 14.87
N GLY C 137 9.35 18.72 13.75
CA GLY C 137 8.77 17.95 12.63
C GLY C 137 9.30 18.41 11.30
N VAL C 138 9.11 17.58 10.28
CA VAL C 138 9.84 17.66 8.99
C VAL C 138 8.78 17.88 7.93
N LEU C 139 8.79 19.04 7.31
CA LEU C 139 7.85 19.37 6.24
C LEU C 139 8.39 18.75 4.97
N HIS C 140 7.63 17.92 4.33
CA HIS C 140 7.97 17.35 3.01
C HIS C 140 7.49 18.25 1.85
N VAL C 141 8.42 18.67 1.01
CA VAL C 141 8.09 19.64 -0.08
C VAL C 141 7.65 18.82 -1.26
N THR C 142 6.75 19.40 -2.06
CA THR C 142 6.24 18.78 -3.29
C THR C 142 7.26 18.97 -4.42
N LYS C 143 7.39 17.98 -5.30
CA LYS C 143 8.43 18.02 -6.35
C LYS C 143 8.14 19.16 -7.31
N LYS C 144 6.92 19.67 -7.26
CA LYS C 144 6.53 20.89 -8.04
C LYS C 144 6.93 22.12 -7.23
N ASN C 145 6.72 22.08 -5.91
CA ASN C 145 7.12 23.19 -5.04
C ASN C 145 8.62 23.29 -4.92
N MET C 146 9.28 22.16 -5.01
CA MET C 146 10.66 21.99 -4.57
C MET C 146 11.61 23.05 -5.17
N MET C 147 11.56 23.22 -6.48
CA MET C 147 12.64 24.05 -7.08
C MET C 147 12.44 25.48 -6.62
N GLY C 148 11.25 26.00 -6.64
CA GLY C 148 11.05 27.39 -6.16
C GLY C 148 11.48 27.56 -4.72
N THR C 149 10.96 26.71 -3.85
CA THR C 149 11.25 26.68 -2.39
C THR C 149 12.74 26.60 -2.20
N MET C 150 13.41 25.83 -3.06
CA MET C 150 14.85 25.62 -2.92
C MET C 150 15.62 26.95 -2.99
N ILE C 151 15.31 27.80 -3.97
CA ILE C 151 16.07 29.06 -4.28
C ILE C 151 15.80 30.13 -3.23
N GLN C 152 14.70 30.01 -2.47
CA GLN C 152 14.45 30.90 -1.32
C GLN C 152 15.50 30.64 -0.26
N LYS C 153 15.83 29.37 0.04
CA LYS C 153 16.78 29.09 1.12
C LYS C 153 18.18 29.50 0.68
N LEU C 154 18.40 29.55 -0.62
CA LEU C 154 19.67 30.02 -1.23
C LEU C 154 19.79 31.54 -1.15
N GLN C 155 18.84 32.30 -1.70
CA GLN C 155 18.89 33.76 -1.62
C GLN C 155 19.06 34.12 -0.15
N ARG C 156 18.38 33.40 0.70
CA ARG C 156 18.36 33.70 2.12
C ARG C 156 19.72 33.45 2.75
N GLN C 157 20.63 32.79 2.01
CA GLN C 157 21.91 32.37 2.63
C GLN C 157 22.99 33.40 2.32
N ARG C 158 23.11 33.72 1.03
CA ARG C 158 24.06 34.70 0.50
C ARG C 158 23.29 35.96 0.07
N LEU C 159 22.35 36.42 0.90
CA LEU C 159 21.67 37.74 0.78
C LEU C 159 22.26 38.67 1.83
N ARG C 160 22.98 38.10 2.82
CA ARG C 160 23.53 38.80 4.00
C ARG C 160 24.90 39.38 3.64
N SER C 161 25.59 38.78 2.66
CA SER C 161 26.86 39.23 2.04
C SER C 161 26.60 40.33 1.00
N ARG C 162 25.41 40.36 0.42
CA ARG C 162 24.92 41.42 -0.49
C ARG C 162 23.57 41.89 0.03
N PRO C 163 23.56 42.78 1.06
CA PRO C 163 22.33 43.08 1.81
C PRO C 163 21.39 44.15 1.26
N GLN C 164 21.77 44.81 0.18
CA GLN C 164 20.95 45.89 -0.42
C GLN C 164 20.19 45.33 -1.61
N GLY C 165 20.90 44.62 -2.46
CA GLY C 165 20.28 43.91 -3.60
C GLY C 165 21.16 42.85 -4.18
N LEU C 166 20.66 42.12 -5.19
CA LEU C 166 21.44 41.08 -5.87
C LEU C 166 21.53 41.38 -7.36
N THR C 167 22.24 40.51 -8.06
CA THR C 167 22.50 40.65 -9.50
C THR C 167 21.75 39.58 -10.28
N GLU C 168 21.24 39.96 -11.46
CA GLU C 168 20.68 38.99 -12.44
C GLU C 168 21.64 37.83 -12.67
N ALA C 169 22.92 38.11 -12.51
CA ALA C 169 24.00 37.15 -12.82
C ALA C 169 23.90 36.07 -11.73
N GLU C 170 23.75 36.49 -10.47
CA GLU C 170 23.72 35.44 -9.43
C GLU C 170 22.31 34.88 -9.32
N GLN C 171 21.29 35.66 -9.65
CA GLN C 171 19.93 35.07 -9.77
C GLN C 171 19.90 33.81 -10.65
N ARG C 172 20.31 33.97 -11.90
CA ARG C 172 20.42 32.84 -12.85
C ARG C 172 21.50 31.86 -12.37
N GLU C 173 22.57 32.33 -11.75
CA GLU C 173 23.65 31.46 -11.21
C GLU C 173 23.08 30.58 -10.09
N LEU C 174 22.26 31.20 -9.23
CA LEU C 174 21.67 30.58 -8.04
C LEU C 174 20.72 29.49 -8.51
N GLU C 175 19.89 29.81 -9.51
CA GLU C 175 19.00 28.81 -10.12
C GLU C 175 19.86 27.64 -10.55
N GLN C 176 21.04 27.89 -11.10
CA GLN C 176 21.86 26.78 -11.63
C GLN C 176 22.26 25.87 -10.46
N GLU C 177 22.62 26.44 -9.34
CA GLU C 177 23.03 25.67 -8.17
C GLU C 177 21.89 24.81 -7.67
N ALA C 178 20.69 25.37 -7.72
CA ALA C 178 19.44 24.64 -7.43
C ALA C 178 19.22 23.45 -8.36
N LYS C 179 19.18 23.71 -9.66
CA LYS C 179 18.84 22.73 -10.70
C LYS C 179 19.65 21.45 -10.49
N GLU C 180 20.91 21.63 -10.18
CA GLU C 180 21.89 20.56 -9.96
C GLU C 180 21.74 19.88 -8.61
N LEU C 181 20.98 20.49 -7.69
CA LEU C 181 20.78 19.99 -6.33
C LEU C 181 19.44 19.28 -6.34
N LYS C 182 18.51 19.74 -7.21
CA LYS C 182 17.24 19.08 -7.43
C LYS C 182 17.41 17.75 -8.18
N LYS C 183 18.58 17.55 -8.80
CA LYS C 183 18.89 16.27 -9.51
C LYS C 183 19.32 15.13 -8.56
N VAL C 184 20.08 15.50 -7.52
CA VAL C 184 20.84 14.61 -6.62
C VAL C 184 20.32 14.60 -5.18
N MET C 185 19.34 15.44 -4.87
CA MET C 185 18.95 15.52 -3.43
C MET C 185 18.00 14.37 -3.11
N ASP C 186 18.43 13.49 -2.21
CA ASP C 186 17.59 12.45 -1.59
C ASP C 186 16.63 13.15 -0.63
N LEU C 187 15.35 12.96 -0.91
CA LEU C 187 14.23 13.48 -0.10
C LEU C 187 13.73 12.47 0.93
N SER C 188 14.24 11.25 0.87
CA SER C 188 13.95 10.17 1.84
C SER C 188 14.89 10.26 3.04
N ILE C 189 15.93 11.06 2.93
CA ILE C 189 16.88 11.15 4.07
C ILE C 189 17.28 12.62 4.29
N VAL C 190 17.29 13.02 5.55
CA VAL C 190 17.82 14.32 6.00
C VAL C 190 18.72 14.08 7.19
N ARG C 191 19.45 15.11 7.58
CA ARG C 191 20.26 15.24 8.79
C ARG C 191 19.95 16.62 9.34
N LEU C 192 20.13 16.71 10.66
CA LEU C 192 19.96 17.92 11.48
C LEU C 192 21.32 18.57 11.60
N ARG C 193 21.34 19.88 11.54
CA ARG C 193 22.58 20.66 11.70
C ARG C 193 22.36 21.69 12.80
N PHE C 194 23.03 21.44 13.92
CA PHE C 194 22.94 22.25 15.14
C PHE C 194 24.03 23.30 15.11
N SER C 195 23.65 24.56 15.23
CA SER C 195 24.67 25.63 15.24
C SER C 195 24.47 26.50 16.46
N ALA C 196 25.45 26.60 17.34
CA ALA C 196 25.38 27.41 18.56
C ALA C 196 25.98 28.80 18.34
N PHE C 197 25.60 29.75 19.15
CA PHE C 197 26.17 31.12 19.19
C PHE C 197 26.24 31.54 20.65
N LEU C 198 27.32 32.13 21.03
CA LEU C 198 27.53 32.66 22.36
C LEU C 198 27.40 34.15 22.20
N ARG C 199 26.57 34.70 23.06
CA ARG C 199 26.27 36.16 23.18
C ARG C 199 27.52 36.90 23.68
N ALA C 200 27.91 37.98 23.00
CA ALA C 200 29.02 38.88 23.37
C ALA C 200 28.51 39.90 24.38
N SER C 201 29.39 40.77 24.91
CA SER C 201 29.01 41.93 25.74
C SER C 201 27.84 42.69 25.08
N ASP C 202 27.97 43.00 23.78
CA ASP C 202 26.98 43.78 22.98
C ASP C 202 25.56 43.44 23.44
N GLY C 203 25.17 42.17 23.32
CA GLY C 203 23.77 41.72 23.30
C GLY C 203 23.49 40.87 22.08
N SER C 204 24.48 40.75 21.18
CA SER C 204 24.47 39.96 19.93
C SER C 204 24.95 38.54 20.23
N PHE C 205 24.14 37.53 19.95
CA PHE C 205 24.55 36.10 19.94
C PHE C 205 25.32 35.89 18.64
N SER C 206 26.43 36.58 18.46
CA SER C 206 27.18 36.66 17.20
C SER C 206 28.44 35.82 17.23
N LEU C 207 28.83 35.28 18.39
CA LEU C 207 30.05 34.42 18.47
C LEU C 207 29.68 33.00 18.08
N PRO C 208 30.09 32.55 16.87
CA PRO C 208 29.73 31.22 16.35
C PRO C 208 30.58 30.04 16.84
N LEU C 209 29.98 28.90 17.14
CA LEU C 209 30.70 27.68 17.49
C LEU C 209 30.76 26.92 16.17
N LYS C 210 31.60 25.89 16.09
CA LYS C 210 31.51 24.90 14.97
C LYS C 210 30.15 24.22 14.98
N PRO C 211 29.46 24.12 13.79
CA PRO C 211 28.29 23.26 13.59
C PRO C 211 28.53 21.76 13.71
N VAL C 212 27.51 21.06 14.17
CA VAL C 212 27.60 19.62 14.46
C VAL C 212 26.44 18.91 13.75
N ILE C 213 26.77 17.95 12.89
CA ILE C 213 25.68 17.27 12.12
C ILE C 213 25.37 15.90 12.69
N SER C 214 24.05 15.68 12.87
CA SER C 214 23.44 14.45 13.41
C SER C 214 23.59 13.30 12.44
N GLN C 215 23.24 12.12 12.90
CA GLN C 215 23.17 10.92 12.05
C GLN C 215 21.95 11.06 11.15
N PRO C 216 21.90 10.34 10.00
CA PRO C 216 20.81 10.55 9.03
C PRO C 216 19.44 10.07 9.50
N ILE C 217 18.41 10.74 8.97
CA ILE C 217 17.02 10.49 9.43
C ILE C 217 16.28 9.97 8.23
N HIS C 218 15.96 8.68 8.21
CA HIS C 218 15.22 8.12 7.05
C HIS C 218 13.71 8.29 7.22
N ASP C 219 13.03 8.88 6.22
CA ASP C 219 11.58 8.98 6.15
C ASP C 219 11.01 7.60 6.33
N SER C 220 10.12 7.43 7.30
CA SER C 220 9.43 6.13 7.54
C SER C 220 8.59 5.75 6.31
N LYS C 221 7.98 6.77 5.75
CA LYS C 221 7.12 6.62 4.55
C LYS C 221 7.89 6.92 3.28
N SER C 222 9.09 6.39 3.19
CA SER C 222 9.89 6.58 1.99
C SER C 222 10.04 5.22 1.36
N PRO C 223 10.19 5.16 0.00
CA PRO C 223 10.22 3.89 -0.73
C PRO C 223 11.36 2.98 -0.25
N GLY C 224 11.03 1.72 0.03
CA GLY C 224 11.99 0.60 0.10
C GLY C 224 13.02 0.69 1.21
N ALA C 225 13.92 -0.29 1.22
CA ALA C 225 15.13 -0.36 2.06
C ALA C 225 14.83 -0.07 3.52
N SER C 226 13.72 -0.59 4.02
CA SER C 226 13.43 -0.49 5.48
C SER C 226 14.28 -1.46 6.29
N ASN C 227 14.41 -1.22 7.60
CA ASN C 227 15.11 -2.16 8.47
C ASN C 227 14.37 -3.49 8.41
N LEU C 228 15.12 -4.56 8.22
CA LEU C 228 14.54 -5.91 8.18
C LEU C 228 14.13 -6.26 9.58
N LYS C 229 12.95 -6.82 9.74
CA LYS C 229 12.49 -7.28 11.07
C LYS C 229 11.91 -8.68 10.95
N ILE C 230 12.25 -9.57 11.88
CA ILE C 230 11.57 -10.87 11.99
C ILE C 230 10.47 -10.66 13.02
N SER C 231 9.23 -10.70 12.58
CA SER C 231 8.07 -10.47 13.48
C SER C 231 7.84 -11.68 14.34
N ARG C 232 7.66 -12.82 13.68
CA ARG C 232 7.61 -14.13 14.36
C ARG C 232 7.82 -15.24 13.34
N MET C 233 8.03 -16.44 13.90
CA MET C 233 8.27 -17.66 13.14
C MET C 233 7.35 -18.72 13.70
N ASP C 234 6.92 -19.63 12.83
CA ASP C 234 6.04 -20.69 13.39
C ASP C 234 6.82 -21.80 14.11
N LYS C 235 8.05 -22.15 13.71
CA LYS C 235 8.91 -23.18 14.36
C LYS C 235 10.19 -22.56 14.91
N THR C 236 10.63 -23.02 16.07
CA THR C 236 11.89 -22.50 16.64
C THR C 236 12.86 -23.64 16.95
N ALA C 237 12.66 -24.76 16.30
CA ALA C 237 13.43 -25.98 16.60
C ALA C 237 13.47 -26.81 15.35
N GLY C 238 13.94 -28.01 15.49
CA GLY C 238 14.02 -28.88 14.30
C GLY C 238 14.89 -30.07 14.54
N SER C 239 15.51 -30.54 13.46
CA SER C 239 16.51 -31.62 13.48
C SER C 239 17.78 -31.12 12.82
N VAL C 240 18.86 -31.85 13.08
CA VAL C 240 20.18 -31.59 12.49
C VAL C 240 20.07 -31.76 10.96
N ARG C 241 19.15 -32.65 10.54
CA ARG C 241 18.99 -32.99 9.11
C ARG C 241 18.66 -31.72 8.32
N GLY C 242 17.85 -30.85 8.92
CA GLY C 242 17.16 -29.78 8.22
C GLY C 242 15.94 -30.29 7.50
N GLY C 243 15.50 -29.49 6.56
CA GLY C 243 14.36 -29.79 5.69
C GLY C 243 13.06 -29.70 6.44
N ASP C 244 13.08 -28.94 7.53
CA ASP C 244 11.90 -28.68 8.36
C ASP C 244 11.25 -27.40 7.88
N GLU C 245 9.95 -27.40 7.62
CA GLU C 245 9.27 -26.23 7.02
C GLU C 245 8.88 -25.16 8.07
N VAL C 246 9.39 -23.96 7.85
CA VAL C 246 9.22 -22.78 8.74
C VAL C 246 8.50 -21.64 8.02
N TYR C 247 7.44 -21.08 8.62
CA TYR C 247 6.74 -19.88 8.11
C TYR C 247 7.33 -18.73 8.92
N LEU C 248 7.97 -17.80 8.24
CA LEU C 248 8.59 -16.64 8.90
C LEU C 248 7.84 -15.40 8.46
N LEU C 249 7.38 -14.59 9.41
CA LEU C 249 6.69 -13.32 9.10
C LEU C 249 7.72 -12.21 9.19
N CYS C 250 7.80 -11.37 8.19
CA CYS C 250 8.79 -10.27 8.20
C CYS C 250 8.23 -8.94 7.71
N ASP C 251 9.07 -7.90 7.70
CA ASP C 251 8.73 -6.61 7.09
C ASP C 251 9.19 -6.72 5.65
N LYS C 252 8.90 -5.70 4.87
CA LYS C 252 8.94 -5.81 3.36
C LYS C 252 10.25 -6.38 2.78
N VAL C 253 10.18 -7.49 2.07
CA VAL C 253 11.41 -8.07 1.45
C VAL C 253 11.20 -8.34 -0.03
N GLN C 254 12.24 -8.09 -0.83
CA GLN C 254 12.15 -8.31 -2.28
C GLN C 254 12.51 -9.76 -2.60
N LYS C 255 11.67 -10.47 -3.35
CA LYS C 255 11.73 -11.96 -3.40
C LYS C 255 13.14 -12.49 -3.74
N ASP C 256 13.77 -12.01 -4.80
CA ASP C 256 15.04 -12.59 -5.27
C ASP C 256 16.26 -12.23 -4.41
N ASP C 257 16.20 -11.01 -3.90
CA ASP C 257 17.36 -10.30 -3.33
C ASP C 257 17.49 -10.56 -1.85
N ILE C 258 16.67 -11.45 -1.33
CA ILE C 258 16.64 -11.81 0.10
C ILE C 258 17.15 -13.24 0.34
N GLU C 259 17.63 -13.50 1.55
CA GLU C 259 17.91 -14.88 1.97
C GLU C 259 17.74 -15.00 3.47
N VAL C 260 18.02 -16.20 3.97
CA VAL C 260 17.81 -16.57 5.38
C VAL C 260 19.03 -17.34 5.88
N ARG C 261 19.90 -16.61 6.52
CA ARG C 261 21.21 -17.05 6.99
C ARG C 261 21.13 -17.68 8.39
N PHE C 262 21.59 -18.91 8.45
CA PHE C 262 21.75 -19.65 9.73
C PHE C 262 23.21 -19.76 10.12
N TYR C 263 23.64 -18.94 11.06
CA TYR C 263 25.05 -18.80 11.44
C TYR C 263 25.28 -19.06 12.92
N GLU C 264 26.50 -19.52 13.21
CA GLU C 264 27.06 -19.65 14.57
C GLU C 264 28.13 -18.58 14.67
N ASP C 265 27.89 -17.51 15.42
CA ASP C 265 28.70 -16.26 15.27
C ASP C 265 30.09 -16.50 15.87
N ASP C 266 30.19 -16.99 17.10
CA ASP C 266 31.49 -17.19 17.78
C ASP C 266 32.19 -18.42 17.17
N GLU C 267 31.49 -19.54 16.90
CA GLU C 267 32.14 -20.80 16.47
C GLU C 267 32.60 -20.71 15.01
N ASN C 268 33.70 -20.00 14.75
CA ASN C 268 34.45 -19.87 13.46
C ASN C 268 33.50 -19.64 12.26
N GLY C 269 32.40 -18.90 12.46
CA GLY C 269 31.38 -18.55 11.46
C GLY C 269 30.89 -19.75 10.66
N TRP C 270 30.44 -20.84 11.29
CA TRP C 270 29.71 -21.88 10.49
C TRP C 270 28.48 -21.21 9.91
N GLN C 271 28.15 -21.38 8.62
CA GLN C 271 26.93 -20.76 8.13
C GLN C 271 26.28 -21.67 7.09
N ALA C 272 25.00 -21.46 6.92
CA ALA C 272 24.11 -22.22 6.03
C ALA C 272 23.01 -21.27 5.61
N PHE C 273 22.13 -21.75 4.75
CA PHE C 273 20.92 -20.95 4.37
C PHE C 273 19.61 -21.76 4.38
N GLY C 274 18.50 -21.07 4.59
CA GLY C 274 17.18 -21.66 4.40
C GLY C 274 16.86 -21.75 2.92
N ASP C 275 16.03 -22.77 2.67
CA ASP C 275 15.76 -23.39 1.36
C ASP C 275 14.37 -22.95 0.92
N PHE C 276 14.33 -22.18 -0.15
CA PHE C 276 13.06 -21.65 -0.67
C PHE C 276 13.32 -21.05 -2.03
N SER C 277 12.27 -20.95 -2.83
CA SER C 277 12.27 -20.28 -4.14
C SER C 277 11.67 -18.89 -3.95
N PRO C 278 11.93 -17.94 -4.87
CA PRO C 278 11.20 -16.67 -4.81
C PRO C 278 9.67 -16.74 -4.77
N THR C 279 9.11 -17.83 -5.28
CA THR C 279 7.67 -18.17 -5.28
C THR C 279 7.23 -18.43 -3.85
N ASP C 280 8.19 -18.81 -3.02
CA ASP C 280 7.94 -19.14 -1.62
C ASP C 280 7.87 -17.90 -0.74
N VAL C 281 8.31 -16.76 -1.29
CA VAL C 281 8.24 -15.49 -0.58
C VAL C 281 6.87 -14.94 -0.88
N HIS C 282 6.02 -14.95 0.12
CA HIS C 282 4.59 -14.57 0.01
C HIS C 282 4.34 -13.06 0.21
N LYS C 283 3.90 -12.38 -0.88
CA LYS C 283 3.46 -10.97 -0.88
C LYS C 283 4.46 -10.10 -0.14
N GLN C 284 5.75 -10.46 -0.23
CA GLN C 284 6.92 -9.77 0.36
C GLN C 284 6.96 -9.67 1.90
N TYR C 285 6.05 -10.36 2.61
CA TYR C 285 5.93 -10.20 4.07
C TYR C 285 5.91 -11.53 4.85
N ALA C 286 6.18 -12.62 4.17
CA ALA C 286 6.34 -13.94 4.76
C ALA C 286 7.30 -14.70 3.85
N ILE C 287 7.95 -15.65 4.46
CA ILE C 287 8.83 -16.61 3.76
C ILE C 287 8.50 -18.01 4.28
N VAL C 288 8.10 -18.92 3.41
CA VAL C 288 8.07 -20.36 3.77
C VAL C 288 9.37 -20.97 3.31
N PHE C 289 10.10 -21.53 4.23
CA PHE C 289 11.38 -22.16 3.87
C PHE C 289 11.60 -23.46 4.63
N ARG C 290 12.64 -24.17 4.20
CA ARG C 290 13.10 -25.39 4.89
C ARG C 290 14.44 -25.11 5.55
N THR C 291 14.63 -25.64 6.75
CA THR C 291 15.90 -25.43 7.53
C THR C 291 17.07 -26.17 6.90
N PRO C 292 18.28 -25.55 6.91
CA PRO C 292 19.50 -26.14 6.36
C PRO C 292 20.04 -27.19 7.29
N PRO C 293 20.81 -28.22 6.82
CA PRO C 293 21.27 -29.23 7.74
C PRO C 293 22.35 -28.66 8.66
N TYR C 294 22.44 -29.17 9.88
CA TYR C 294 23.49 -28.69 10.80
C TYR C 294 24.85 -29.18 10.30
N HIS C 295 25.93 -28.41 10.54
CA HIS C 295 27.25 -28.73 9.97
C HIS C 295 27.72 -30.11 10.48
N LYS C 296 27.45 -30.42 11.74
CA LYS C 296 27.97 -31.63 12.40
C LYS C 296 26.81 -32.43 12.97
N MET C 297 26.47 -33.52 12.29
CA MET C 297 25.47 -34.54 12.75
C MET C 297 26.06 -35.46 13.79
N LYS C 298 25.22 -36.35 14.31
CA LYS C 298 25.59 -37.25 15.44
C LYS C 298 26.11 -36.48 16.66
N ILE C 299 25.37 -35.44 17.03
CA ILE C 299 25.51 -34.71 18.29
C ILE C 299 24.59 -35.43 19.27
N GLU C 300 24.80 -35.19 20.54
CA GLU C 300 23.90 -35.81 21.53
C GLU C 300 23.16 -34.74 22.31
N ARG C 301 23.61 -33.49 22.23
CA ARG C 301 22.97 -32.40 22.98
C ARG C 301 22.58 -31.29 22.02
N PRO C 302 21.40 -30.66 22.23
CA PRO C 302 20.92 -29.70 21.24
C PRO C 302 21.70 -28.39 21.07
N VAL C 303 22.05 -28.05 19.82
CA VAL C 303 22.85 -26.83 19.53
C VAL C 303 21.98 -25.66 19.11
N THR C 304 22.05 -24.56 19.85
CA THR C 304 21.25 -23.36 19.61
C THR C 304 22.08 -22.43 18.74
N VAL C 305 21.44 -21.91 17.72
CA VAL C 305 22.07 -21.10 16.67
C VAL C 305 21.17 -19.90 16.48
N PHE C 306 21.65 -19.02 15.63
CA PHE C 306 20.99 -17.77 15.21
C PHE C 306 20.61 -17.87 13.74
N LEU C 307 19.51 -17.19 13.42
CA LEU C 307 19.16 -17.06 11.99
C LEU C 307 18.76 -15.64 11.74
N GLN C 308 19.06 -15.13 10.57
CA GLN C 308 18.78 -13.75 10.21
C GLN C 308 18.49 -13.65 8.73
N LEU C 309 17.91 -12.53 8.36
CA LEU C 309 17.62 -12.21 6.95
C LEU C 309 18.80 -11.43 6.40
N LYS C 310 19.09 -11.58 5.11
CA LYS C 310 20.26 -10.80 4.62
C LYS C 310 19.99 -10.37 3.19
N ARG C 311 19.95 -9.07 2.91
CA ARG C 311 19.87 -8.66 1.50
C ARG C 311 21.23 -9.05 0.95
N LYS C 312 21.32 -10.13 0.19
CA LYS C 312 22.60 -10.60 -0.35
C LYS C 312 23.12 -9.61 -1.39
N ARG C 313 22.24 -8.89 -2.06
CA ARG C 313 22.72 -7.81 -2.94
C ARG C 313 23.59 -6.88 -2.11
N GLY C 314 23.06 -6.46 -0.96
CA GLY C 314 23.73 -5.54 -0.02
C GLY C 314 24.47 -6.25 1.08
N GLY C 315 24.24 -5.85 2.32
CA GLY C 315 24.80 -6.55 3.47
C GLY C 315 23.96 -6.45 4.72
N ASP C 316 22.69 -6.12 4.58
CA ASP C 316 21.79 -5.80 5.72
C ASP C 316 21.35 -7.05 6.45
N VAL C 317 20.90 -6.89 7.70
CA VAL C 317 20.54 -8.07 8.52
C VAL C 317 19.44 -7.71 9.54
N SER C 318 18.60 -8.70 9.82
CA SER C 318 17.41 -8.63 10.68
C SER C 318 17.89 -8.78 12.12
N ASP C 319 17.05 -8.46 13.08
CA ASP C 319 17.41 -8.87 14.47
C ASP C 319 17.43 -10.39 14.52
N SER C 320 18.58 -11.03 14.74
CA SER C 320 18.71 -12.49 14.81
C SER C 320 17.74 -13.14 15.78
N LYS C 321 17.39 -14.38 15.53
CA LYS C 321 16.48 -15.15 16.41
C LYS C 321 17.18 -16.46 16.71
N GLN C 322 16.96 -17.01 17.88
CA GLN C 322 17.61 -18.33 18.23
C GLN C 322 16.85 -19.50 17.63
N PHE C 323 17.56 -20.51 17.15
CA PHE C 323 16.95 -21.69 16.55
C PHE C 323 17.66 -22.90 17.10
N THR C 324 16.89 -23.88 17.54
CA THR C 324 17.50 -25.07 18.17
C THR C 324 17.49 -26.23 17.18
N TYR C 325 18.52 -27.04 17.29
CA TYR C 325 18.69 -28.23 16.45
C TYR C 325 18.77 -29.44 17.36
N TYR C 326 17.98 -30.47 17.09
CA TYR C 326 17.93 -31.63 17.98
C TYR C 326 18.74 -32.77 17.36
N PRO C 327 19.16 -33.73 18.20
CA PRO C 327 19.82 -34.98 17.76
C PRO C 327 18.90 -35.87 16.92
N LEU C 328 19.48 -36.74 16.11
CA LEU C 328 18.79 -37.76 15.29
C LEU C 328 18.02 -38.72 16.20
N VAL C 329 16.79 -39.06 15.78
CA VAL C 329 15.87 -40.08 16.39
C VAL C 329 16.12 -40.18 17.90
#